data_1GVR
#
_entry.id   1GVR
#
_cell.length_a   56.963
_cell.length_b   69.094
_cell.length_c   89.024
_cell.angle_alpha   90.00
_cell.angle_beta   90.00
_cell.angle_gamma   90.00
#
_symmetry.space_group_name_H-M   'P 21 21 21'
#
loop_
_entity.id
_entity.type
_entity.pdbx_description
1 polymer 'PENTAERYTHRITOL TETRANITRATE REDUCTASE'
2 non-polymer 'FLAVIN MONONUCLEOTIDE'
3 non-polymer 2,4,6-TRINITROTOLUENE
4 water water
#
_entity_poly.entity_id   1
_entity_poly.type   'polypeptide(L)'
_entity_poly.pdbx_seq_one_letter_code
;SAEKLFTPLKVGAVTAPNRVFMAPLTRLRSIEPGDIPTPLMGEYYRQRASAGLIISEATQISAQAKGYAGAPGLHSPEQI
AAWKKITAGVHAEDGRIAVQLWHTGRISHSSIQPGGQAPVSASALNANTRTSLRDENGNAIRVDTTTPRALELDEIPGIV
NDFRQAVANAREAGFDLVELHSAHGYLLHQFLSPSSNQRTDQYGGSVENRARLVLEVVDAVCNEWSADRIGIRVSPIGTF
QNVDNGPNEEADALYLIEELAKRGIAYLHMSETDLAGGKPYSEAFRQKVRERFHGVIIGAGAYTAEKAEDLIGKGLIDAV
AFGRDYIANPDLVARLQKKAELNPQRPESFYGGGAEGYTDYPSL
;
_entity_poly.pdbx_strand_id   A
#
loop_
_chem_comp.id
_chem_comp.type
_chem_comp.name
_chem_comp.formula
FMN non-polymer 'FLAVIN MONONUCLEOTIDE' 'C17 H21 N4 O9 P'
TNL non-polymer 2,4,6-TRINITROTOLUENE 'C7 H5 N3 O6'
#
# COMPACT_ATOMS: atom_id res chain seq x y z
N SER A 1 -7.24 11.27 26.76
CA SER A 1 -6.36 12.47 26.73
C SER A 1 -5.32 12.38 25.61
N ALA A 2 -4.37 11.46 25.77
CA ALA A 2 -3.30 11.27 24.78
C ALA A 2 -2.46 12.54 24.65
N GLU A 3 -1.95 12.82 23.46
CA GLU A 3 -1.13 14.00 23.25
C GLU A 3 -0.99 14.48 21.81
N LYS A 4 0.05 14.00 21.13
CA LYS A 4 0.33 14.42 19.76
C LYS A 4 -0.51 13.76 18.67
N LEU A 5 -1.00 12.55 18.91
CA LEU A 5 -1.80 11.84 17.91
C LEU A 5 -2.95 12.63 17.32
N PHE A 6 -3.48 13.58 18.09
CA PHE A 6 -4.61 14.37 17.63
C PHE A 6 -4.27 15.80 17.25
N THR A 7 -3.06 15.99 16.76
CA THR A 7 -2.59 17.31 16.32
C THR A 7 -2.36 17.24 14.82
N PRO A 8 -2.61 18.34 14.10
CA PRO A 8 -2.42 18.38 12.65
C PRO A 8 -1.01 18.11 12.15
N LEU A 9 -0.93 17.68 10.89
CA LEU A 9 0.33 17.37 10.25
C LEU A 9 0.22 17.62 8.76
N LYS A 10 1.17 18.39 8.22
CA LYS A 10 1.16 18.68 6.79
C LYS A 10 1.73 17.46 6.08
N VAL A 11 0.97 16.91 5.13
CA VAL A 11 1.41 15.74 4.38
C VAL A 11 1.40 16.10 2.89
N GLY A 12 2.55 16.52 2.38
CA GLY A 12 2.61 16.90 0.98
C GLY A 12 1.62 18.02 0.71
N ALA A 13 0.81 17.84 -0.33
CA ALA A 13 -0.19 18.84 -0.73
C ALA A 13 -1.38 19.02 0.20
N VAL A 14 -1.57 18.13 1.16
CA VAL A 14 -2.71 18.26 2.07
C VAL A 14 -2.29 18.39 3.53
N THR A 15 -3.27 18.65 4.39
CA THR A 15 -3.01 18.77 5.81
C THR A 15 -3.95 17.84 6.56
N ALA A 16 -3.37 16.90 7.30
CA ALA A 16 -4.14 15.95 8.08
C ALA A 16 -4.42 16.60 9.43
N PRO A 17 -5.66 16.50 9.93
CA PRO A 17 -6.03 17.09 11.22
C PRO A 17 -5.58 16.27 12.43
N ASN A 18 -5.13 15.05 12.17
CA ASN A 18 -4.64 14.17 13.23
C ASN A 18 -3.66 13.20 12.61
N ARG A 19 -2.93 12.46 13.45
CA ARG A 19 -1.92 11.54 12.98
C ARG A 19 -2.32 10.07 13.02
N VAL A 20 -3.62 9.84 13.09
CA VAL A 20 -4.17 8.49 13.11
C VAL A 20 -4.61 8.19 11.68
N PHE A 21 -3.76 7.46 10.96
CA PHE A 21 -4.05 7.12 9.56
C PHE A 21 -4.63 5.72 9.39
N MET A 22 -5.37 5.54 8.30
CA MET A 22 -5.95 4.24 7.99
C MET A 22 -5.03 3.54 7.01
N ALA A 23 -4.45 2.42 7.43
CA ALA A 23 -3.53 1.65 6.59
C ALA A 23 -4.21 1.06 5.35
N PRO A 24 -3.45 0.86 4.27
CA PRO A 24 -4.04 0.28 3.06
C PRO A 24 -4.50 -1.13 3.41
N LEU A 25 -5.75 -1.46 3.08
CA LEU A 25 -6.32 -2.76 3.42
C LEU A 25 -7.10 -3.44 2.30
N THR A 26 -6.52 -4.49 1.74
CA THR A 26 -7.18 -5.27 0.68
C THR A 26 -8.40 -5.95 1.30
N ARG A 27 -9.58 -5.75 0.72
CA ARG A 27 -10.79 -6.37 1.25
C ARG A 27 -11.49 -7.27 0.22
N LEU A 28 -11.01 -7.23 -1.03
CA LEU A 28 -11.53 -8.05 -2.11
C LEU A 28 -13.05 -8.11 -2.31
N ARG A 29 -13.68 -6.94 -2.35
CA ARG A 29 -15.12 -6.89 -2.53
C ARG A 29 -15.52 -6.14 -3.80
N SER A 30 -14.57 -5.92 -4.70
CA SER A 30 -14.86 -5.21 -5.93
C SER A 30 -15.64 -6.08 -6.91
N ILE A 31 -16.28 -5.42 -7.88
CA ILE A 31 -17.07 -6.12 -8.89
C ILE A 31 -16.23 -6.74 -9.99
N GLU A 32 -16.61 -7.96 -10.37
CA GLU A 32 -15.98 -8.67 -11.49
C GLU A 32 -17.18 -9.09 -12.33
N PRO A 33 -17.07 -8.96 -13.67
CA PRO A 33 -15.93 -8.45 -14.44
C PRO A 33 -15.71 -6.95 -14.32
N GLY A 34 -14.47 -6.52 -14.52
CA GLY A 34 -14.16 -5.10 -14.47
C GLY A 34 -13.32 -4.60 -13.31
N ASP A 35 -13.24 -5.39 -12.23
CA ASP A 35 -12.46 -4.99 -11.05
C ASP A 35 -12.89 -3.57 -10.66
N ILE A 36 -14.20 -3.38 -10.58
CA ILE A 36 -14.79 -2.07 -10.29
C ILE A 36 -15.17 -1.78 -8.85
N PRO A 37 -14.76 -0.61 -8.33
CA PRO A 37 -15.10 -0.26 -6.94
C PRO A 37 -16.63 -0.19 -6.87
N THR A 38 -17.19 -0.39 -5.69
CA THR A 38 -18.64 -0.40 -5.52
C THR A 38 -19.17 0.64 -4.56
N PRO A 39 -20.50 0.86 -4.57
CA PRO A 39 -21.11 1.84 -3.67
C PRO A 39 -20.86 1.41 -2.22
N LEU A 40 -20.81 0.10 -2.00
CA LEU A 40 -20.56 -0.44 -0.67
C LEU A 40 -19.16 -0.02 -0.22
N MET A 41 -18.21 -0.10 -1.15
CA MET A 41 -16.82 0.29 -0.89
C MET A 41 -16.81 1.78 -0.51
N GLY A 42 -17.63 2.57 -1.22
CA GLY A 42 -17.69 4.00 -0.94
C GLY A 42 -18.23 4.26 0.45
N GLU A 43 -19.24 3.49 0.82
CA GLU A 43 -19.87 3.61 2.14
C GLU A 43 -18.80 3.31 3.20
N TYR A 44 -18.07 2.23 2.99
CA TYR A 44 -17.01 1.81 3.90
C TYR A 44 -15.96 2.89 4.12
N TYR A 45 -15.50 3.53 3.04
CA TYR A 45 -14.50 4.59 3.17
C TYR A 45 -15.10 5.86 3.80
N ARG A 46 -16.34 6.16 3.45
CA ARG A 46 -16.98 7.34 4.01
C ARG A 46 -17.10 7.22 5.52
N GLN A 47 -17.39 6.02 6.00
CA GLN A 47 -17.53 5.77 7.44
C GLN A 47 -16.24 6.08 8.19
N ARG A 48 -15.11 5.97 7.49
CA ARG A 48 -13.79 6.18 8.07
C ARG A 48 -13.13 7.49 7.66
N ALA A 49 -13.92 8.46 7.20
CA ALA A 49 -13.40 9.74 6.75
C ALA A 49 -12.78 10.65 7.82
N SER A 50 -12.94 10.33 9.09
CA SER A 50 -12.35 11.18 10.13
C SER A 50 -10.86 10.87 10.31
N ALA A 51 -10.39 9.84 9.61
CA ALA A 51 -8.97 9.48 9.68
C ALA A 51 -8.13 10.67 9.22
N GLY A 52 -6.94 10.82 9.80
CA GLY A 52 -6.07 11.91 9.40
C GLY A 52 -5.82 11.80 7.90
N LEU A 53 -5.72 10.55 7.46
CA LEU A 53 -5.54 10.22 6.06
C LEU A 53 -5.96 8.78 5.86
N ILE A 54 -6.76 8.54 4.82
CA ILE A 54 -7.18 7.20 4.48
C ILE A 54 -6.27 6.74 3.36
N ILE A 55 -5.67 5.56 3.50
CA ILE A 55 -4.84 5.01 2.43
C ILE A 55 -5.68 3.84 1.92
N SER A 56 -6.08 3.88 0.66
CA SER A 56 -6.93 2.83 0.10
C SER A 56 -6.30 1.46 0.00
N GLU A 57 -7.14 0.48 -0.27
CA GLU A 57 -6.73 -0.90 -0.50
C GLU A 57 -5.86 -0.85 -1.74
N ALA A 58 -4.94 -1.81 -1.87
CA ALA A 58 -4.07 -1.87 -3.04
C ALA A 58 -4.94 -1.92 -4.31
N THR A 59 -4.58 -1.08 -5.28
CA THR A 59 -5.33 -0.97 -6.52
C THR A 59 -4.43 -1.16 -7.74
N GLN A 60 -4.86 -1.99 -8.68
CA GLN A 60 -4.07 -2.27 -9.87
C GLN A 60 -3.83 -1.08 -10.80
N ILE A 61 -2.60 -0.96 -11.28
CA ILE A 61 -2.24 0.10 -12.21
C ILE A 61 -2.59 -0.33 -13.63
N SER A 62 -2.85 -1.62 -13.80
CA SER A 62 -3.17 -2.19 -15.10
C SER A 62 -3.83 -3.56 -14.89
N ALA A 63 -4.35 -4.14 -15.97
CA ALA A 63 -4.98 -5.46 -15.89
C ALA A 63 -3.93 -6.50 -15.54
N GLN A 64 -2.73 -6.34 -16.11
CA GLN A 64 -1.63 -7.27 -15.84
C GLN A 64 -1.24 -7.25 -14.35
N ALA A 65 -1.41 -6.10 -13.70
CA ALA A 65 -1.06 -5.95 -12.30
C ALA A 65 -1.90 -6.81 -11.36
N LYS A 66 -3.05 -7.28 -11.84
CA LYS A 66 -3.97 -8.06 -11.01
C LYS A 66 -3.42 -9.39 -10.50
N GLY A 67 -3.61 -9.62 -9.22
CA GLY A 67 -3.14 -10.86 -8.59
C GLY A 67 -4.18 -11.45 -7.64
N TYR A 68 -5.20 -10.67 -7.31
CA TYR A 68 -6.27 -11.11 -6.40
C TYR A 68 -7.66 -10.83 -6.99
N ALA A 69 -8.54 -11.82 -6.96
CA ALA A 69 -9.89 -11.63 -7.45
C ALA A 69 -10.61 -10.73 -6.44
N GLY A 70 -11.21 -9.66 -6.92
CA GLY A 70 -11.91 -8.77 -5.99
C GLY A 70 -11.17 -7.47 -5.71
N ALA A 71 -9.89 -7.41 -6.09
CA ALA A 71 -9.09 -6.20 -5.88
C ALA A 71 -9.46 -5.25 -7.01
N PRO A 72 -9.62 -3.95 -6.70
CA PRO A 72 -9.99 -2.96 -7.70
C PRO A 72 -8.83 -2.46 -8.54
N GLY A 73 -9.16 -1.86 -9.67
CA GLY A 73 -8.14 -1.32 -10.54
C GLY A 73 -8.39 0.17 -10.73
N LEU A 74 -7.42 0.86 -11.33
CA LEU A 74 -7.54 2.27 -11.60
C LEU A 74 -6.94 2.51 -12.99
N HIS A 75 -7.36 1.67 -13.94
CA HIS A 75 -6.87 1.77 -15.30
C HIS A 75 -7.95 1.90 -16.38
N SER A 76 -9.19 1.56 -16.04
CA SER A 76 -10.29 1.64 -17.01
C SER A 76 -11.22 2.80 -16.73
N PRO A 77 -12.01 3.21 -17.73
CA PRO A 77 -12.95 4.32 -17.57
C PRO A 77 -13.96 4.05 -16.46
N GLU A 78 -14.48 2.82 -16.42
CA GLU A 78 -15.47 2.43 -15.41
C GLU A 78 -14.89 2.49 -14.00
N GLN A 79 -13.62 2.13 -13.87
CA GLN A 79 -12.96 2.16 -12.57
C GLN A 79 -12.74 3.60 -12.12
N ILE A 80 -12.33 4.45 -13.04
CA ILE A 80 -12.10 5.85 -12.73
C ILE A 80 -13.42 6.49 -12.27
N ALA A 81 -14.51 6.20 -12.99
CA ALA A 81 -15.81 6.76 -12.63
C ALA A 81 -16.26 6.31 -11.24
N ALA A 82 -16.05 5.02 -10.93
CA ALA A 82 -16.44 4.48 -9.64
C ALA A 82 -15.60 5.06 -8.49
N TRP A 83 -14.29 5.20 -8.72
CA TRP A 83 -13.42 5.77 -7.69
C TRP A 83 -13.79 7.24 -7.46
N LYS A 84 -14.20 7.94 -8.51
CA LYS A 84 -14.58 9.35 -8.38
C LYS A 84 -15.70 9.52 -7.38
N LYS A 85 -16.61 8.56 -7.35
CA LYS A 85 -17.72 8.62 -6.41
C LYS A 85 -17.22 8.38 -4.99
N ILE A 86 -16.26 7.47 -4.85
CA ILE A 86 -15.73 7.15 -3.53
C ILE A 86 -14.95 8.31 -2.93
N THR A 87 -14.08 8.94 -3.72
CA THR A 87 -13.30 10.06 -3.20
C THR A 87 -14.23 11.23 -2.88
N ALA A 88 -15.27 11.43 -3.70
CA ALA A 88 -16.20 12.51 -3.45
C ALA A 88 -16.90 12.27 -2.12
N GLY A 89 -17.20 11.00 -1.83
CA GLY A 89 -17.86 10.66 -0.58
C GLY A 89 -16.98 10.99 0.62
N VAL A 90 -15.69 10.67 0.50
CA VAL A 90 -14.75 10.95 1.57
C VAL A 90 -14.61 12.46 1.75
N HIS A 91 -14.54 13.19 0.64
CA HIS A 91 -14.40 14.64 0.70
C HIS A 91 -15.67 15.31 1.20
N ALA A 92 -16.81 14.67 0.98
CA ALA A 92 -18.08 15.22 1.44
C ALA A 92 -18.07 15.24 2.97
N GLU A 93 -17.27 14.35 3.55
CA GLU A 93 -17.14 14.26 5.00
C GLU A 93 -15.87 14.95 5.50
N ASP A 94 -15.23 15.71 4.62
CA ASP A 94 -14.02 16.46 4.95
C ASP A 94 -12.80 15.60 5.24
N GLY A 95 -12.73 14.44 4.59
CA GLY A 95 -11.59 13.55 4.77
C GLY A 95 -10.59 13.68 3.65
N ARG A 96 -9.51 12.90 3.73
CA ARG A 96 -8.47 12.89 2.71
C ARG A 96 -8.18 11.44 2.39
N ILE A 97 -7.98 11.13 1.10
CA ILE A 97 -7.72 9.77 0.73
C ILE A 97 -6.66 9.59 -0.34
N ALA A 98 -5.75 8.66 -0.10
CA ALA A 98 -4.68 8.35 -1.02
C ALA A 98 -4.97 6.97 -1.58
N VAL A 99 -4.64 6.76 -2.86
CA VAL A 99 -4.86 5.45 -3.46
C VAL A 99 -3.54 4.70 -3.47
N GLN A 100 -3.52 3.48 -2.95
CA GLN A 100 -2.27 2.72 -2.98
C GLN A 100 -2.29 1.98 -4.31
N LEU A 101 -1.26 2.19 -5.10
CA LEU A 101 -1.15 1.56 -6.41
C LEU A 101 -0.13 0.43 -6.41
N TRP A 102 -0.50 -0.70 -7.02
CA TRP A 102 0.41 -1.83 -7.06
C TRP A 102 0.36 -2.64 -8.33
N HIS A 103 1.35 -3.51 -8.46
CA HIS A 103 1.44 -4.48 -9.53
C HIS A 103 1.84 -5.66 -8.66
N THR A 104 1.04 -6.72 -8.66
CA THR A 104 1.31 -7.88 -7.80
C THR A 104 2.48 -8.75 -8.24
N GLY A 105 2.89 -8.62 -9.50
CA GLY A 105 4.00 -9.42 -9.97
C GLY A 105 3.71 -10.92 -9.83
N ARG A 106 4.68 -11.65 -9.29
CA ARG A 106 4.53 -13.10 -9.13
C ARG A 106 3.49 -13.56 -8.11
N ILE A 107 2.93 -12.66 -7.33
CA ILE A 107 1.89 -13.05 -6.37
C ILE A 107 0.59 -12.90 -7.14
N SER A 108 0.35 -13.86 -8.04
CA SER A 108 -0.82 -13.84 -8.90
C SER A 108 -1.09 -15.25 -9.41
N HIS A 109 -2.07 -15.38 -10.28
CA HIS A 109 -2.43 -16.67 -10.86
C HIS A 109 -2.82 -16.46 -12.32
N SER A 110 -2.42 -17.37 -13.18
CA SER A 110 -2.70 -17.24 -14.61
C SER A 110 -4.16 -17.03 -14.96
N SER A 111 -5.06 -17.65 -14.19
CA SER A 111 -6.49 -17.53 -14.45
C SER A 111 -7.06 -16.11 -14.39
N ILE A 112 -6.35 -15.19 -13.74
CA ILE A 112 -6.84 -13.82 -13.66
C ILE A 112 -5.93 -12.83 -14.39
N GLN A 113 -5.00 -13.37 -15.17
CA GLN A 113 -4.07 -12.57 -15.96
C GLN A 113 -4.66 -12.40 -17.36
N PRO A 114 -4.22 -11.37 -18.09
CA PRO A 114 -4.76 -11.18 -19.44
C PRO A 114 -4.44 -12.42 -20.29
N GLY A 115 -5.45 -12.92 -20.99
CA GLY A 115 -5.23 -14.09 -21.83
C GLY A 115 -4.99 -15.36 -21.05
N GLY A 116 -5.08 -15.29 -19.73
CA GLY A 116 -4.86 -16.46 -18.90
C GLY A 116 -3.42 -16.93 -18.93
N GLN A 117 -2.51 -16.01 -19.24
CA GLN A 117 -1.09 -16.33 -19.32
C GLN A 117 -0.36 -16.16 -18.00
N ALA A 118 0.89 -16.59 -17.95
CA ALA A 118 1.68 -16.50 -16.73
C ALA A 118 1.93 -15.06 -16.32
N PRO A 119 1.93 -14.78 -15.00
CA PRO A 119 2.17 -13.42 -14.52
C PRO A 119 3.66 -13.08 -14.69
N VAL A 120 4.02 -11.81 -14.50
CA VAL A 120 5.41 -11.40 -14.67
C VAL A 120 6.13 -11.04 -13.38
N SER A 121 7.46 -11.03 -13.42
CA SER A 121 8.26 -10.68 -12.25
C SER A 121 9.68 -10.32 -12.68
N ALA A 122 10.56 -10.10 -11.70
CA ALA A 122 11.96 -9.78 -11.99
C ALA A 122 12.63 -11.01 -12.59
N SER A 123 12.32 -12.17 -12.01
CA SER A 123 12.88 -13.43 -12.48
C SER A 123 11.78 -14.47 -12.57
N ALA A 124 12.10 -15.65 -13.10
CA ALA A 124 11.11 -16.72 -13.25
C ALA A 124 11.13 -17.67 -12.07
N LEU A 125 10.85 -17.14 -10.88
CA LEU A 125 10.83 -17.93 -9.66
C LEU A 125 9.46 -17.86 -8.99
N ASN A 126 8.85 -19.02 -8.74
CA ASN A 126 7.54 -19.04 -8.12
C ASN A 126 7.62 -18.47 -6.71
N ALA A 127 6.59 -17.74 -6.29
CA ALA A 127 6.55 -17.13 -4.97
C ALA A 127 6.34 -18.17 -3.88
N ASN A 128 5.91 -19.36 -4.29
CA ASN A 128 5.66 -20.46 -3.37
C ASN A 128 4.71 -20.08 -2.22
N THR A 129 3.66 -19.37 -2.56
CA THR A 129 2.66 -18.98 -1.57
C THR A 129 1.31 -19.07 -2.25
N ARG A 130 0.29 -18.46 -1.68
CA ARG A 130 -1.02 -18.51 -2.31
C ARG A 130 -1.60 -17.11 -2.42
N THR A 131 -2.54 -16.94 -3.34
CA THR A 131 -3.23 -15.67 -3.51
C THR A 131 -4.71 -15.99 -3.35
N SER A 132 -5.55 -14.97 -3.51
CA SER A 132 -6.99 -15.19 -3.36
C SER A 132 -7.75 -15.01 -4.67
N LEU A 133 -8.52 -16.04 -5.02
CA LEU A 133 -9.36 -16.00 -6.21
C LEU A 133 -10.79 -16.14 -5.71
N ARG A 134 -11.74 -16.31 -6.61
CA ARG A 134 -13.13 -16.49 -6.17
C ARG A 134 -13.72 -17.69 -6.91
N ASP A 135 -14.60 -18.42 -6.23
CA ASP A 135 -15.19 -19.60 -6.84
C ASP A 135 -16.42 -19.29 -7.69
N GLU A 136 -17.05 -20.36 -8.19
CA GLU A 136 -18.22 -20.23 -9.05
C GLU A 136 -19.33 -19.39 -8.44
N ASN A 137 -19.33 -19.26 -7.12
CA ASN A 137 -20.37 -18.47 -6.46
C ASN A 137 -19.85 -17.12 -5.96
N GLY A 138 -18.66 -16.74 -6.41
CA GLY A 138 -18.08 -15.47 -6.02
C GLY A 138 -17.46 -15.43 -4.64
N ASN A 139 -17.29 -16.60 -4.02
CA ASN A 139 -16.69 -16.66 -2.69
C ASN A 139 -15.17 -16.71 -2.79
N ALA A 140 -14.50 -16.05 -1.85
CA ALA A 140 -13.03 -16.03 -1.84
C ALA A 140 -12.44 -17.40 -1.55
N ILE A 141 -11.43 -17.78 -2.33
CA ILE A 141 -10.74 -19.05 -2.14
C ILE A 141 -9.23 -18.86 -2.29
N ARG A 142 -8.45 -19.73 -1.66
CA ARG A 142 -7.00 -19.64 -1.73
C ARG A 142 -6.46 -20.57 -2.81
N VAL A 143 -5.50 -20.08 -3.58
CA VAL A 143 -4.91 -20.87 -4.65
C VAL A 143 -3.41 -20.62 -4.74
N ASP A 144 -2.64 -21.67 -5.02
CA ASP A 144 -1.19 -21.55 -5.14
C ASP A 144 -0.84 -20.57 -6.26
N THR A 145 0.20 -19.78 -6.04
CA THR A 145 0.64 -18.80 -7.04
C THR A 145 1.25 -19.47 -8.26
N THR A 146 1.02 -18.87 -9.43
CA THR A 146 1.55 -19.38 -10.70
C THR A 146 2.99 -18.94 -10.89
N THR A 147 3.83 -19.81 -11.46
CA THR A 147 5.22 -19.46 -11.70
C THR A 147 5.25 -18.32 -12.71
N PRO A 148 6.00 -17.25 -12.41
CA PRO A 148 6.09 -16.09 -13.30
C PRO A 148 7.08 -16.19 -14.43
N ARG A 149 6.93 -15.27 -15.37
CA ARG A 149 7.80 -15.12 -16.52
C ARG A 149 8.65 -13.91 -16.18
N ALA A 150 9.95 -13.96 -16.47
CA ALA A 150 10.83 -12.83 -16.18
C ALA A 150 10.59 -11.73 -17.22
N LEU A 151 10.34 -10.52 -16.74
CA LEU A 151 10.12 -9.40 -17.64
C LEU A 151 11.32 -9.22 -18.57
N GLU A 152 11.06 -8.96 -19.84
CA GLU A 152 12.12 -8.73 -20.81
C GLU A 152 12.59 -7.30 -20.57
N LEU A 153 13.86 -7.01 -20.83
CA LEU A 153 14.38 -5.67 -20.62
C LEU A 153 13.52 -4.61 -21.31
N ASP A 154 13.07 -4.92 -22.52
CA ASP A 154 12.25 -3.99 -23.30
C ASP A 154 10.83 -3.80 -22.76
N GLU A 155 10.44 -4.62 -21.80
CA GLU A 155 9.10 -4.52 -21.22
C GLU A 155 9.05 -3.58 -20.01
N ILE A 156 10.21 -3.27 -19.44
CA ILE A 156 10.27 -2.42 -18.26
C ILE A 156 9.72 -1.01 -18.48
N PRO A 157 10.03 -0.38 -19.63
CA PRO A 157 9.49 0.97 -19.83
C PRO A 157 7.96 0.96 -19.76
N GLY A 158 7.36 -0.14 -20.20
CA GLY A 158 5.92 -0.27 -20.17
C GLY A 158 5.40 -0.28 -18.74
N ILE A 159 6.10 -1.00 -17.87
CA ILE A 159 5.71 -1.09 -16.47
C ILE A 159 5.74 0.31 -15.84
N VAL A 160 6.80 1.06 -16.14
CA VAL A 160 6.95 2.41 -15.61
C VAL A 160 5.83 3.29 -16.13
N ASN A 161 5.49 3.13 -17.41
CA ASN A 161 4.42 3.91 -18.00
C ASN A 161 3.07 3.58 -17.37
N ASP A 162 2.88 2.32 -17.01
CA ASP A 162 1.61 1.92 -16.40
C ASP A 162 1.44 2.60 -15.04
N PHE A 163 2.54 2.74 -14.28
CA PHE A 163 2.46 3.43 -13.00
C PHE A 163 2.16 4.90 -13.27
N ARG A 164 2.85 5.48 -14.24
CA ARG A 164 2.65 6.88 -14.60
C ARG A 164 1.19 7.15 -14.98
N GLN A 165 0.64 6.30 -15.84
CA GLN A 165 -0.74 6.46 -16.26
C GLN A 165 -1.71 6.31 -15.09
N ALA A 166 -1.44 5.36 -14.21
CA ALA A 166 -2.32 5.13 -13.06
C ALA A 166 -2.37 6.35 -12.17
N VAL A 167 -1.24 7.03 -12.01
CA VAL A 167 -1.18 8.21 -11.17
C VAL A 167 -1.97 9.34 -11.85
N ALA A 168 -1.88 9.42 -13.18
CA ALA A 168 -2.64 10.44 -13.91
C ALA A 168 -4.12 10.17 -13.67
N ASN A 169 -4.50 8.89 -13.68
CA ASN A 169 -5.87 8.48 -13.47
C ASN A 169 -6.30 8.78 -12.03
N ALA A 170 -5.38 8.59 -11.09
CA ALA A 170 -5.67 8.85 -9.68
C ALA A 170 -6.00 10.33 -9.48
N ARG A 171 -5.24 11.19 -10.15
CA ARG A 171 -5.49 12.63 -10.03
C ARG A 171 -6.89 12.97 -10.52
N GLU A 172 -7.28 12.44 -11.69
CA GLU A 172 -8.61 12.74 -12.18
C GLU A 172 -9.69 12.09 -11.32
N ALA A 173 -9.35 10.97 -10.69
CA ALA A 173 -10.31 10.27 -9.84
C ALA A 173 -10.58 11.01 -8.54
N GLY A 174 -9.82 12.09 -8.30
CA GLY A 174 -10.04 12.88 -7.10
C GLY A 174 -9.23 12.53 -5.87
N PHE A 175 -8.28 11.60 -6.00
CA PHE A 175 -7.45 11.22 -4.87
C PHE A 175 -6.56 12.40 -4.48
N ASP A 176 -6.30 12.53 -3.17
CA ASP A 176 -5.45 13.60 -2.66
C ASP A 176 -3.97 13.28 -2.80
N LEU A 177 -3.65 12.00 -2.72
CA LEU A 177 -2.28 11.53 -2.82
C LEU A 177 -2.28 10.13 -3.41
N VAL A 178 -1.10 9.64 -3.74
CA VAL A 178 -0.95 8.29 -4.27
C VAL A 178 0.14 7.63 -3.46
N GLU A 179 -0.04 6.36 -3.14
CA GLU A 179 0.99 5.64 -2.40
C GLU A 179 1.46 4.46 -3.25
N LEU A 180 2.73 4.48 -3.62
CA LEU A 180 3.29 3.40 -4.43
C LEU A 180 3.53 2.20 -3.53
N HIS A 181 3.00 1.03 -3.92
CA HIS A 181 3.18 -0.18 -3.12
C HIS A 181 4.52 -0.85 -3.44
N SER A 182 5.56 -0.46 -2.72
CA SER A 182 6.88 -1.02 -2.94
C SER A 182 7.25 -1.96 -1.80
N ALA A 183 6.25 -2.62 -1.23
CA ALA A 183 6.49 -3.52 -0.12
C ALA A 183 5.80 -4.88 -0.24
N HIS A 184 5.91 -5.67 0.82
CA HIS A 184 5.28 -6.98 0.95
C HIS A 184 5.45 -7.99 -0.19
N GLY A 185 6.59 -7.94 -0.87
CA GLY A 185 6.85 -8.88 -1.95
C GLY A 185 6.10 -8.74 -3.26
N TYR A 186 5.52 -7.57 -3.52
CA TYR A 186 4.85 -7.42 -4.80
C TYR A 186 5.86 -6.98 -5.85
N LEU A 187 5.43 -6.65 -7.07
CA LEU A 187 6.39 -6.34 -8.13
C LEU A 187 7.59 -5.47 -7.80
N LEU A 188 7.36 -4.27 -7.27
CA LEU A 188 8.48 -3.39 -6.96
C LEU A 188 9.44 -4.01 -5.96
N HIS A 189 8.89 -4.66 -4.93
CA HIS A 189 9.71 -5.29 -3.90
C HIS A 189 10.42 -6.53 -4.48
N GLN A 190 9.79 -7.17 -5.47
CA GLN A 190 10.36 -8.34 -6.12
C GLN A 190 11.68 -7.97 -6.79
N PHE A 191 11.77 -6.75 -7.31
CA PHE A 191 12.98 -6.28 -7.94
C PHE A 191 14.00 -5.83 -6.89
N LEU A 192 13.50 -5.20 -5.82
CA LEU A 192 14.37 -4.72 -4.75
C LEU A 192 15.11 -5.81 -4.00
N SER A 193 14.46 -6.96 -3.81
CA SER A 193 15.07 -8.06 -3.06
C SER A 193 15.90 -9.04 -3.88
N PRO A 194 17.12 -9.31 -3.43
CA PRO A 194 17.97 -10.25 -4.17
C PRO A 194 17.44 -11.69 -4.14
N SER A 195 16.58 -12.00 -3.17
CA SER A 195 16.02 -13.34 -3.07
C SER A 195 15.03 -13.63 -4.20
N SER A 196 14.42 -12.57 -4.73
CA SER A 196 13.44 -12.70 -5.80
C SER A 196 13.94 -12.12 -7.12
N ASN A 197 15.14 -11.55 -7.09
CA ASN A 197 15.71 -10.94 -8.28
C ASN A 197 17.08 -11.54 -8.60
N GLN A 198 17.16 -12.33 -9.67
CA GLN A 198 18.41 -12.95 -10.08
C GLN A 198 18.82 -12.44 -11.46
N ARG A 199 18.29 -11.28 -11.85
CA ARG A 199 18.60 -10.70 -13.15
C ARG A 199 20.08 -10.35 -13.31
N THR A 200 20.56 -10.44 -14.54
CA THR A 200 21.95 -10.12 -14.83
C THR A 200 22.09 -8.84 -15.63
N ASP A 201 20.98 -8.15 -15.88
CA ASP A 201 21.06 -6.89 -16.62
C ASP A 201 21.14 -5.76 -15.60
N GLN A 202 20.87 -4.53 -16.03
CA GLN A 202 20.99 -3.41 -15.10
C GLN A 202 19.89 -3.31 -14.05
N TYR A 203 18.97 -4.27 -14.02
CA TYR A 203 17.90 -4.24 -13.02
C TYR A 203 18.08 -5.31 -11.95
N GLY A 204 19.26 -5.92 -11.94
CA GLY A 204 19.54 -6.95 -10.96
C GLY A 204 20.99 -6.88 -10.51
N GLY A 205 21.28 -7.51 -9.37
CA GLY A 205 22.64 -7.51 -8.87
C GLY A 205 22.85 -6.55 -7.70
N SER A 206 23.52 -5.44 -7.97
CA SER A 206 23.80 -4.45 -6.93
C SER A 206 22.52 -3.81 -6.44
N VAL A 207 22.58 -3.18 -5.28
CA VAL A 207 21.41 -2.52 -4.71
C VAL A 207 20.99 -1.39 -5.65
N GLU A 208 21.97 -0.76 -6.31
CA GLU A 208 21.65 0.32 -7.23
C GLU A 208 20.76 -0.22 -8.35
N ASN A 209 21.14 -1.39 -8.87
CA ASN A 209 20.37 -2.03 -9.94
C ASN A 209 19.01 -2.54 -9.46
N ARG A 210 18.97 -3.10 -8.26
CA ARG A 210 17.73 -3.63 -7.71
C ARG A 210 16.72 -2.52 -7.41
N ALA A 211 17.22 -1.33 -7.08
CA ALA A 211 16.34 -0.21 -6.77
C ALA A 211 16.07 0.64 -8.01
N ARG A 212 16.69 0.29 -9.13
CA ARG A 212 16.52 1.05 -10.36
C ARG A 212 15.05 1.21 -10.78
N LEU A 213 14.31 0.12 -10.81
CA LEU A 213 12.91 0.16 -11.21
C LEU A 213 12.06 1.09 -10.36
N VAL A 214 12.04 0.85 -9.05
CA VAL A 214 11.21 1.67 -8.18
C VAL A 214 11.56 3.16 -8.32
N LEU A 215 12.84 3.48 -8.45
CA LEU A 215 13.24 4.88 -8.59
C LEU A 215 12.78 5.47 -9.93
N GLU A 216 12.80 4.65 -10.98
CA GLU A 216 12.33 5.12 -12.28
C GLU A 216 10.85 5.43 -12.15
N VAL A 217 10.14 4.59 -11.40
CA VAL A 217 8.70 4.79 -11.19
C VAL A 217 8.44 6.06 -10.40
N VAL A 218 9.21 6.27 -9.33
CA VAL A 218 9.05 7.47 -8.52
C VAL A 218 9.27 8.72 -9.38
N ASP A 219 10.32 8.71 -10.18
CA ASP A 219 10.61 9.88 -11.03
C ASP A 219 9.49 10.09 -12.03
N ALA A 220 8.98 9.00 -12.60
CA ALA A 220 7.91 9.10 -13.58
C ALA A 220 6.63 9.67 -12.99
N VAL A 221 6.25 9.23 -11.79
CA VAL A 221 5.02 9.73 -11.19
C VAL A 221 5.16 11.14 -10.63
N CYS A 222 6.37 11.51 -10.21
CA CYS A 222 6.59 12.86 -9.69
C CYS A 222 6.45 13.83 -10.86
N ASN A 223 6.93 13.41 -12.03
CA ASN A 223 6.87 14.21 -13.23
C ASN A 223 5.43 14.32 -13.74
N GLU A 224 4.71 13.20 -13.70
CA GLU A 224 3.33 13.18 -14.18
C GLU A 224 2.44 14.09 -13.34
N TRP A 225 2.57 14.01 -12.02
CA TRP A 225 1.77 14.86 -11.14
C TRP A 225 2.69 15.86 -10.43
N SER A 226 2.97 15.61 -9.16
CA SER A 226 3.84 16.48 -8.38
C SER A 226 4.43 15.67 -7.23
N ALA A 227 5.68 15.94 -6.89
CA ALA A 227 6.33 15.21 -5.81
C ALA A 227 5.54 15.26 -4.50
N ASP A 228 4.89 16.38 -4.21
CA ASP A 228 4.13 16.49 -2.97
C ASP A 228 2.79 15.75 -2.99
N ARG A 229 2.60 14.94 -4.03
CA ARG A 229 1.38 14.14 -4.17
C ARG A 229 1.76 12.66 -4.08
N ILE A 230 3.06 12.41 -4.02
CA ILE A 230 3.57 11.04 -4.00
C ILE A 230 4.04 10.47 -2.68
N GLY A 231 3.55 9.28 -2.35
CA GLY A 231 3.96 8.62 -1.12
C GLY A 231 4.43 7.24 -1.52
N ILE A 232 5.18 6.57 -0.65
CA ILE A 232 5.65 5.24 -0.98
C ILE A 232 5.69 4.36 0.24
N ARG A 233 5.24 3.11 0.09
CA ARG A 233 5.28 2.19 1.20
C ARG A 233 6.36 1.16 0.94
N VAL A 234 7.22 0.95 1.92
CA VAL A 234 8.29 -0.02 1.82
C VAL A 234 8.25 -0.91 3.06
N SER A 235 8.85 -2.09 2.95
CA SER A 235 8.96 -3.06 4.05
C SER A 235 10.36 -3.64 3.81
N PRO A 236 11.39 -2.80 3.95
CA PRO A 236 12.81 -3.10 3.77
C PRO A 236 13.55 -3.92 4.81
N ILE A 237 12.95 -4.10 5.98
CA ILE A 237 13.58 -4.87 7.05
C ILE A 237 12.74 -6.09 7.42
N GLY A 238 13.36 -7.27 7.36
CA GLY A 238 12.65 -8.48 7.71
C GLY A 238 12.18 -9.30 6.51
N THR A 239 11.37 -10.31 6.76
CA THR A 239 10.85 -11.16 5.69
C THR A 239 9.35 -11.02 5.55
N PHE A 240 8.89 -10.86 4.32
CA PHE A 240 7.46 -10.69 4.01
C PHE A 240 7.03 -11.54 2.82
N GLN A 241 5.86 -12.15 2.91
CA GLN A 241 5.32 -12.95 1.81
C GLN A 241 6.42 -13.80 1.16
N ASN A 242 7.26 -14.40 1.99
CA ASN A 242 8.36 -15.24 1.52
C ASN A 242 9.53 -14.46 0.95
N VAL A 243 9.29 -13.21 0.54
CA VAL A 243 10.38 -12.40 0.01
C VAL A 243 11.17 -11.77 1.14
N ASP A 244 12.44 -12.13 1.22
CA ASP A 244 13.33 -11.63 2.26
C ASP A 244 14.27 -10.56 1.72
N ASN A 245 14.43 -9.49 2.49
CA ASN A 245 15.33 -8.42 2.08
C ASN A 245 16.73 -9.00 2.22
N GLY A 246 17.61 -8.65 1.29
CA GLY A 246 18.97 -9.18 1.29
C GLY A 246 19.73 -9.31 2.60
N PRO A 247 20.98 -9.80 2.55
CA PRO A 247 21.85 -9.99 3.71
C PRO A 247 22.38 -8.67 4.24
N ASN A 248 22.17 -7.60 3.47
CA ASN A 248 22.60 -6.26 3.86
C ASN A 248 21.36 -5.39 3.80
N GLU A 249 20.28 -5.86 4.43
CA GLU A 249 19.02 -5.14 4.41
C GLU A 249 19.08 -3.70 4.93
N GLU A 250 19.76 -3.46 6.05
CA GLU A 250 19.83 -2.11 6.58
C GLU A 250 20.54 -1.14 5.64
N ALA A 251 21.72 -1.53 5.18
CA ALA A 251 22.48 -0.67 4.27
C ALA A 251 21.67 -0.39 3.01
N ASP A 252 21.10 -1.44 2.41
CA ASP A 252 20.30 -1.29 1.21
C ASP A 252 19.08 -0.41 1.46
N ALA A 253 18.49 -0.52 2.64
CA ALA A 253 17.31 0.27 2.99
C ALA A 253 17.69 1.75 3.05
N LEU A 254 18.81 2.05 3.69
CA LEU A 254 19.24 3.43 3.81
C LEU A 254 19.59 4.01 2.44
N TYR A 255 20.10 3.16 1.54
CA TYR A 255 20.42 3.62 0.20
C TYR A 255 19.13 4.05 -0.48
N LEU A 256 18.14 3.17 -0.42
CA LEU A 256 16.85 3.44 -1.04
C LEU A 256 16.24 4.73 -0.51
N ILE A 257 16.28 4.90 0.81
CA ILE A 257 15.71 6.09 1.44
C ILE A 257 16.40 7.37 1.00
N GLU A 258 17.72 7.36 0.92
CA GLU A 258 18.44 8.56 0.50
C GLU A 258 18.03 8.94 -0.93
N GLU A 259 17.86 7.93 -1.78
CA GLU A 259 17.46 8.17 -3.15
C GLU A 259 16.04 8.76 -3.20
N LEU A 260 15.15 8.21 -2.39
CA LEU A 260 13.78 8.70 -2.36
C LEU A 260 13.74 10.14 -1.88
N ALA A 261 14.58 10.46 -0.89
CA ALA A 261 14.64 11.80 -0.34
C ALA A 261 15.01 12.84 -1.41
N LYS A 262 15.86 12.44 -2.34
CA LYS A 262 16.29 13.35 -3.40
C LYS A 262 15.12 13.83 -4.26
N ARG A 263 14.04 13.07 -4.28
CA ARG A 263 12.87 13.45 -5.07
C ARG A 263 11.90 14.36 -4.31
N GLY A 264 12.14 14.52 -3.01
CA GLY A 264 11.30 15.39 -2.21
C GLY A 264 9.83 14.98 -2.18
N ILE A 265 9.58 13.67 -2.10
CA ILE A 265 8.21 13.19 -2.09
C ILE A 265 7.49 13.46 -0.77
N ALA A 266 6.17 13.38 -0.81
CA ALA A 266 5.33 13.67 0.35
C ALA A 266 5.59 12.81 1.57
N TYR A 267 5.74 11.51 1.40
CA TYR A 267 5.96 10.67 2.57
C TYR A 267 6.57 9.32 2.34
N LEU A 268 7.11 8.79 3.43
CA LEU A 268 7.73 7.46 3.48
C LEU A 268 6.91 6.66 4.49
N HIS A 269 6.27 5.60 4.01
CA HIS A 269 5.43 4.74 4.84
C HIS A 269 6.16 3.42 5.06
N MET A 270 6.53 3.15 6.31
CA MET A 270 7.25 1.92 6.61
C MET A 270 6.44 0.84 7.31
N SER A 271 6.31 -0.30 6.62
CA SER A 271 5.63 -1.46 7.18
C SER A 271 6.77 -2.18 7.87
N GLU A 272 6.80 -2.12 9.19
CA GLU A 272 7.89 -2.69 9.97
C GLU A 272 8.00 -4.20 10.07
N THR A 273 6.86 -4.89 10.07
CA THR A 273 6.85 -6.35 10.14
C THR A 273 5.65 -6.84 9.37
N ASP A 274 5.70 -8.11 8.95
CA ASP A 274 4.59 -8.69 8.20
C ASP A 274 3.38 -8.74 9.13
N LEU A 275 2.70 -9.87 9.16
CA LEU A 275 1.55 -10.02 10.06
C LEU A 275 1.99 -11.01 11.13
N ALA A 276 2.98 -11.83 10.78
CA ALA A 276 3.53 -12.81 11.69
C ALA A 276 4.68 -12.16 12.44
N GLY A 277 5.57 -12.96 13.01
CA GLY A 277 6.70 -12.41 13.75
C GLY A 277 7.55 -11.42 12.99
N GLY A 278 8.49 -10.79 13.69
CA GLY A 278 9.38 -9.82 13.08
C GLY A 278 10.17 -9.02 14.09
N LYS A 279 11.48 -8.90 13.88
CA LYS A 279 12.32 -8.15 14.80
C LYS A 279 11.96 -6.67 14.70
N PRO A 280 11.80 -6.01 15.86
CA PRO A 280 11.45 -4.59 15.91
C PRO A 280 12.57 -3.65 15.48
N TYR A 281 12.17 -2.50 14.96
CA TYR A 281 13.11 -1.47 14.52
C TYR A 281 13.80 -0.90 15.75
N SER A 282 15.12 -0.74 15.69
CA SER A 282 15.87 -0.18 16.80
C SER A 282 15.75 1.34 16.65
N GLU A 283 15.83 2.07 17.77
CA GLU A 283 15.73 3.52 17.68
C GLU A 283 16.90 4.06 16.88
N ALA A 284 18.02 3.34 16.91
CA ALA A 284 19.20 3.76 16.17
C ALA A 284 18.86 3.75 14.67
N PHE A 285 18.16 2.71 14.24
CA PHE A 285 17.77 2.61 12.82
C PHE A 285 16.75 3.68 12.48
N ARG A 286 15.79 3.92 13.37
CA ARG A 286 14.78 4.94 13.11
C ARG A 286 15.44 6.30 12.94
N GLN A 287 16.52 6.54 13.69
CA GLN A 287 17.24 7.80 13.61
C GLN A 287 17.96 7.93 12.27
N LYS A 288 18.52 6.81 11.80
CA LYS A 288 19.22 6.82 10.52
C LYS A 288 18.25 7.09 9.38
N VAL A 289 17.03 6.59 9.50
CA VAL A 289 16.02 6.81 8.48
C VAL A 289 15.58 8.26 8.58
N ARG A 290 15.31 8.70 9.81
CA ARG A 290 14.85 10.05 10.10
C ARG A 290 15.74 11.12 9.47
N GLU A 291 17.05 11.01 9.66
CA GLU A 291 17.97 12.01 9.13
C GLU A 291 18.16 11.95 7.61
N ARG A 292 17.66 10.89 6.99
CA ARG A 292 17.80 10.75 5.55
C ARG A 292 16.57 11.14 4.73
N PHE A 293 15.40 11.17 5.38
CA PHE A 293 14.18 11.52 4.67
C PHE A 293 13.63 12.82 5.28
N HIS A 294 13.34 13.79 4.43
CA HIS A 294 12.86 15.09 4.89
C HIS A 294 11.34 15.31 4.80
N GLY A 295 10.61 14.25 4.46
CA GLY A 295 9.17 14.37 4.38
C GLY A 295 8.53 13.66 5.56
N VAL A 296 7.22 13.43 5.49
CA VAL A 296 6.51 12.75 6.55
C VAL A 296 6.85 11.27 6.60
N ILE A 297 7.02 10.73 7.80
CA ILE A 297 7.32 9.32 7.97
C ILE A 297 6.15 8.69 8.72
N ILE A 298 5.60 7.63 8.13
CA ILE A 298 4.47 6.92 8.72
C ILE A 298 4.93 5.54 9.21
N GLY A 299 4.66 5.24 10.48
CA GLY A 299 5.04 3.94 11.01
C GLY A 299 3.84 3.01 10.98
N ALA A 300 4.06 1.71 10.80
CA ALA A 300 2.96 0.75 10.74
C ALA A 300 3.39 -0.66 11.14
N GLY A 301 2.46 -1.40 11.74
CA GLY A 301 2.76 -2.77 12.15
C GLY A 301 2.48 -3.04 13.62
N ALA A 302 1.26 -3.51 13.90
CA ALA A 302 0.85 -3.85 15.27
C ALA A 302 1.09 -2.71 16.24
N TYR A 303 0.86 -1.48 15.79
CA TYR A 303 1.05 -0.32 16.64
C TYR A 303 -0.08 -0.15 17.65
N THR A 304 0.28 0.39 18.81
CA THR A 304 -0.69 0.70 19.84
C THR A 304 -0.61 2.22 19.88
N ALA A 305 -1.65 2.87 20.39
CA ALA A 305 -1.63 4.32 20.46
C ALA A 305 -0.44 4.76 21.32
N GLU A 306 -0.13 3.99 22.36
CA GLU A 306 0.97 4.31 23.25
C GLU A 306 2.31 4.31 22.52
N LYS A 307 2.52 3.31 21.67
CA LYS A 307 3.75 3.21 20.91
C LYS A 307 3.84 4.37 19.93
N ALA A 308 2.70 4.74 19.34
CA ALA A 308 2.66 5.85 18.40
C ALA A 308 3.04 7.14 19.10
N GLU A 309 2.44 7.39 20.26
CA GLU A 309 2.72 8.60 21.03
C GLU A 309 4.20 8.64 21.42
N ASP A 310 4.73 7.50 21.83
CA ASP A 310 6.13 7.42 22.24
C ASP A 310 7.07 7.81 21.10
N LEU A 311 6.88 7.20 19.94
CA LEU A 311 7.73 7.47 18.79
C LEU A 311 7.55 8.84 18.17
N ILE A 312 6.32 9.34 18.14
CA ILE A 312 6.06 10.66 17.59
C ILE A 312 6.67 11.68 18.54
N GLY A 313 6.54 11.42 19.85
CA GLY A 313 7.09 12.31 20.85
C GLY A 313 8.61 12.38 20.75
N LYS A 314 9.22 11.25 20.39
CA LYS A 314 10.67 11.19 20.25
C LYS A 314 11.10 11.79 18.93
N GLY A 315 10.12 12.22 18.14
CA GLY A 315 10.41 12.83 16.85
C GLY A 315 10.98 11.88 15.81
N LEU A 316 10.74 10.59 15.99
CA LEU A 316 11.24 9.58 15.06
C LEU A 316 10.30 9.31 13.87
N ILE A 317 9.00 9.47 14.09
CA ILE A 317 8.01 9.30 13.03
C ILE A 317 6.98 10.43 13.20
N ASP A 318 6.14 10.64 12.19
CA ASP A 318 5.15 11.70 12.26
C ASP A 318 3.71 11.24 12.38
N ALA A 319 3.41 10.05 11.89
CA ALA A 319 2.05 9.53 11.97
C ALA A 319 2.11 8.02 12.03
N VAL A 320 0.98 7.41 12.34
CA VAL A 320 0.90 5.96 12.44
C VAL A 320 -0.29 5.46 11.64
N ALA A 321 -0.09 4.37 10.91
CA ALA A 321 -1.17 3.80 10.13
C ALA A 321 -1.66 2.54 10.82
N PHE A 322 -2.94 2.52 11.17
CA PHE A 322 -3.55 1.37 11.81
C PHE A 322 -4.35 0.61 10.76
N GLY A 323 -4.16 -0.71 10.73
CA GLY A 323 -4.87 -1.52 9.77
C GLY A 323 -6.10 -2.20 10.34
N ARG A 324 -5.88 -3.30 11.03
CA ARG A 324 -6.99 -4.06 11.61
C ARG A 324 -7.88 -3.28 12.56
N ASP A 325 -7.34 -2.34 13.33
CA ASP A 325 -8.18 -1.55 14.22
C ASP A 325 -9.12 -0.67 13.40
N TYR A 326 -8.69 -0.31 12.19
CA TYR A 326 -9.55 0.51 11.35
C TYR A 326 -10.62 -0.33 10.67
N ILE A 327 -10.34 -1.61 10.46
CA ILE A 327 -11.34 -2.49 9.87
C ILE A 327 -12.52 -2.55 10.82
N ALA A 328 -12.22 -2.73 12.11
CA ALA A 328 -13.26 -2.87 13.12
C ALA A 328 -13.80 -1.60 13.78
N ASN A 329 -13.14 -0.46 13.54
CA ASN A 329 -13.57 0.79 14.17
C ASN A 329 -13.54 1.96 13.19
N PRO A 330 -14.70 2.28 12.58
CA PRO A 330 -14.74 3.39 11.62
C PRO A 330 -14.33 4.72 12.26
N ASP A 331 -14.72 4.92 13.52
CA ASP A 331 -14.38 6.14 14.24
C ASP A 331 -13.21 5.90 15.20
N LEU A 332 -12.19 5.22 14.71
CA LEU A 332 -11.02 4.93 15.53
C LEU A 332 -10.44 6.21 16.14
N VAL A 333 -10.48 7.31 15.40
CA VAL A 333 -9.94 8.57 15.90
C VAL A 333 -10.62 8.97 17.20
N ALA A 334 -11.95 9.01 17.16
CA ALA A 334 -12.74 9.36 18.33
C ALA A 334 -12.51 8.39 19.49
N ARG A 335 -12.48 7.09 19.20
CA ARG A 335 -12.26 6.10 20.25
C ARG A 335 -10.91 6.27 20.94
N LEU A 336 -9.85 6.45 20.15
CA LEU A 336 -8.52 6.63 20.73
C LEU A 336 -8.43 7.93 21.51
N GLN A 337 -9.14 8.96 21.04
CA GLN A 337 -9.08 10.25 21.72
C GLN A 337 -9.82 10.19 23.05
N LYS A 338 -10.94 9.47 23.07
CA LYS A 338 -11.77 9.32 24.27
C LYS A 338 -11.33 8.14 25.14
N LYS A 339 -10.40 7.33 24.64
CA LYS A 339 -9.93 6.16 25.38
C LYS A 339 -11.10 5.20 25.54
N ALA A 340 -11.93 5.10 24.51
CA ALA A 340 -13.08 4.22 24.53
C ALA A 340 -12.68 2.83 24.06
N GLU A 341 -13.47 1.83 24.43
CA GLU A 341 -13.18 0.47 24.03
C GLU A 341 -13.43 0.35 22.53
N LEU A 342 -12.76 -0.61 21.90
CA LEU A 342 -12.91 -0.83 20.47
C LEU A 342 -13.84 -2.00 20.19
N ASN A 343 -14.39 -2.05 18.97
CA ASN A 343 -15.25 -3.16 18.58
C ASN A 343 -14.31 -4.33 18.38
N PRO A 344 -14.78 -5.56 18.66
CA PRO A 344 -13.91 -6.73 18.47
C PRO A 344 -13.78 -7.05 16.98
N GLN A 345 -12.62 -7.55 16.59
CA GLN A 345 -12.37 -7.87 15.19
C GLN A 345 -12.97 -9.22 14.78
N ARG A 346 -13.44 -9.29 13.53
CA ARG A 346 -14.00 -10.51 12.97
C ARG A 346 -13.16 -10.87 11.74
N PRO A 347 -12.00 -11.50 11.95
CA PRO A 347 -11.07 -11.91 10.88
C PRO A 347 -11.65 -12.69 9.70
N GLU A 348 -12.65 -13.54 9.95
CA GLU A 348 -13.22 -14.35 8.89
C GLU A 348 -13.83 -13.56 7.74
N SER A 349 -14.15 -12.29 7.98
CA SER A 349 -14.74 -11.46 6.95
C SER A 349 -13.80 -10.35 6.46
N PHE A 350 -12.51 -10.49 6.72
CA PHE A 350 -11.57 -9.47 6.24
C PHE A 350 -11.57 -9.49 4.71
N TYR A 351 -11.59 -10.69 4.13
CA TYR A 351 -11.56 -10.83 2.67
C TYR A 351 -12.84 -11.35 2.04
N GLY A 352 -13.28 -10.69 0.97
CA GLY A 352 -14.47 -11.09 0.24
C GLY A 352 -15.78 -10.89 0.97
N GLY A 353 -16.85 -11.38 0.36
CA GLY A 353 -18.17 -11.27 0.95
C GLY A 353 -18.85 -9.94 0.64
N GLY A 354 -19.65 -9.47 1.58
CA GLY A 354 -20.38 -8.23 1.40
C GLY A 354 -20.32 -7.29 2.59
N ALA A 355 -21.46 -6.71 2.94
CA ALA A 355 -21.53 -5.75 4.03
C ALA A 355 -21.14 -6.31 5.39
N GLU A 356 -21.45 -7.58 5.65
CA GLU A 356 -21.12 -8.17 6.95
C GLU A 356 -19.61 -8.17 7.16
N GLY A 357 -19.19 -7.63 8.30
CA GLY A 357 -17.76 -7.57 8.59
C GLY A 357 -17.06 -6.51 7.76
N TYR A 358 -17.85 -5.61 7.17
CA TYR A 358 -17.29 -4.55 6.33
C TYR A 358 -17.82 -3.16 6.73
N THR A 359 -19.13 -2.96 6.61
CA THR A 359 -19.75 -1.68 6.97
C THR A 359 -20.56 -1.91 8.24
N ASP A 360 -20.37 -3.12 8.76
CA ASP A 360 -20.97 -3.75 9.94
C ASP A 360 -20.57 -3.24 11.32
N TYR A 361 -19.36 -2.70 11.42
CA TYR A 361 -18.82 -2.21 12.68
C TYR A 361 -19.38 -0.84 13.01
N PRO A 362 -20.11 -0.72 14.14
CA PRO A 362 -20.69 0.56 14.53
C PRO A 362 -19.74 1.62 15.09
N SER A 363 -20.14 2.87 14.93
CA SER A 363 -19.37 3.98 15.47
C SER A 363 -19.99 4.24 16.83
N LEU A 364 -19.32 5.05 17.64
CA LEU A 364 -19.82 5.39 18.96
C LEU A 364 -21.19 6.03 18.83
N1 FMN B . -0.73 -3.76 3.21
C2 FMN B . -0.56 -3.10 2.03
O2 FMN B . 0.39 -2.42 1.78
N3 FMN B . -1.70 -3.00 1.15
C4 FMN B . -2.94 -3.50 1.39
O4 FMN B . -3.77 -3.54 0.46
C4A FMN B . -3.00 -4.45 2.51
N5 FMN B . -4.00 -5.28 2.66
C5A FMN B . -4.18 -5.90 3.87
C6 FMN B . -5.44 -6.58 4.16
C7 FMN B . -5.75 -7.09 5.39
C7M FMN B . -7.11 -7.76 5.69
C8 FMN B . -4.75 -7.05 6.47
C8M FMN B . -5.03 -7.67 7.82
C9 FMN B . -3.52 -6.47 6.18
C9A FMN B . -3.23 -5.80 4.96
N10 FMN B . -2.12 -4.93 4.72
C10 FMN B . -1.91 -4.33 3.50
C1' FMN B . -1.18 -4.59 5.82
C2' FMN B . -1.71 -3.41 6.61
O2' FMN B . -1.63 -2.18 5.90
C3' FMN B . -0.91 -3.25 7.92
O3' FMN B . 0.48 -2.89 7.61
C4' FMN B . -0.97 -4.45 8.84
O4' FMN B . -2.35 -4.88 9.02
C5' FMN B . -0.33 -4.28 10.20
O5' FMN B . -1.00 -3.22 10.90
P FMN B . -2.05 -3.49 12.04
O1P FMN B . -3.25 -4.16 11.45
O2P FMN B . -1.37 -4.29 13.12
O3P FMN B . -2.36 -2.04 12.57
C1 TNL C . -1.01 -6.99 1.25
C7 TNL C . 0.03 -5.90 1.26
C2 TNL C . -1.84 -7.16 0.11
N2 TNL C . -1.61 -6.32 -1.06
O21 TNL C . -2.56 -5.65 -1.53
O22 TNL C . -0.52 -6.26 -1.53
C3 TNL C . -2.82 -8.09 0.01
C4 TNL C . -2.97 -8.92 1.09
N4 TNL C . -3.99 -9.94 0.98
O41 TNL C . -3.86 -10.90 1.73
O42 TNL C . -4.91 -9.76 0.22
C5 TNL C . -2.22 -8.84 2.24
C6 TNL C . -1.26 -7.85 2.29
N6 TNL C . -0.51 -7.75 3.56
O61 TNL C . -1.13 -7.77 4.59
O62 TNL C . 0.71 -7.66 3.50
#